data_3DOF
#
_entry.id   3DOF
#
_cell.length_a   44.663
_cell.length_b   45.165
_cell.length_c   175.879
_cell.angle_alpha   90.00
_cell.angle_beta   90.00
_cell.angle_gamma   90.00
#
_symmetry.space_group_name_H-M   'P 21 21 21'
#
loop_
_entity.id
_entity.type
_entity.pdbx_description
1 polymer 'ADP-ribosylation factor-like protein 2'
2 polymer 'ADP-ribosylation factor-like protein 2-binding protein'
3 non-polymer "GUANOSINE-5'-TRIPHOSPHATE"
4 non-polymer 'MAGNESIUM ION'
5 water water
#
loop_
_entity_poly.entity_id
_entity_poly.type
_entity_poly.pdbx_seq_one_letter_code
_entity_poly.pdbx_strand_id
1 'polypeptide(L)'
;MGLLTILKKMKQKERELRLLMLGLDNAGKTTILKKFNGEDIDTISPTLGFNIKTLEHRGFKLNIWDVGGQKSLRSYWRNY
FESTDGLIWVVDSADRQRMQDCQRELQSLLVEERLAGATLLIFANKQDLPGALSSNAIREVLELDSIRSHHWCIQGCSAV
TGENLLPGIDWLLDDISSRIFTADLEHHHHHH
;
A
2 'polypeptide(L)'
;GSMDALEGESFALSFSSASDAEFDAVVGYLEDIIMDDEFQLLQRNFMDKYYLEFEDTEENKLIYTPIFNEYISLVEKYIE
EQLLQRIPEFNMAAFTTTLQHHKDEVAGDIFDMLLTFTDFLAFKEMFLDYRAEKEGRGLDLSSGLVVTSLCKSSSLPASQ
NNLRH
;
B
#
# COMPACT_ATOMS: atom_id res chain seq x y z
N GLY A 2 3.59 -7.89 -13.62
CA GLY A 2 4.76 -8.17 -14.50
C GLY A 2 5.87 -7.15 -14.35
N LEU A 3 6.17 -6.44 -15.43
CA LEU A 3 7.25 -5.45 -15.46
C LEU A 3 7.07 -4.30 -14.46
N LEU A 4 5.97 -3.56 -14.61
CA LEU A 4 5.66 -2.38 -13.80
C LEU A 4 5.60 -2.69 -12.30
N THR A 5 5.07 -3.85 -11.97
CA THR A 5 4.96 -4.32 -10.59
C THR A 5 6.33 -4.59 -9.97
N ILE A 6 7.24 -5.15 -10.77
CA ILE A 6 8.59 -5.44 -10.28
C ILE A 6 9.44 -4.16 -10.27
N LEU A 7 9.40 -3.43 -11.39
CA LEU A 7 10.08 -2.15 -11.53
C LEU A 7 9.91 -1.25 -10.31
N LYS A 8 8.66 -1.08 -9.88
CA LYS A 8 8.33 -0.23 -8.73
C LYS A 8 8.88 -0.79 -7.43
N LYS A 9 8.95 -2.11 -7.33
CA LYS A 9 9.43 -2.76 -6.12
C LYS A 9 10.96 -2.81 -6.06
N MET A 10 11.61 -2.48 -7.17
CA MET A 10 13.08 -2.44 -7.21
C MET A 10 13.63 -1.02 -6.98
N LYS A 11 13.00 -0.02 -7.60
CA LYS A 11 13.41 1.37 -7.42
C LYS A 11 12.48 2.10 -6.45
N GLN A 12 11.94 1.35 -5.48
CA GLN A 12 11.04 1.88 -4.47
C GLN A 12 11.71 3.00 -3.67
N LYS A 13 10.92 4.04 -3.36
CA LYS A 13 11.41 5.18 -2.61
C LYS A 13 11.95 4.75 -1.25
N GLU A 14 13.04 5.38 -0.82
CA GLU A 14 13.78 4.97 0.36
C GLU A 14 13.13 5.40 1.68
N ARG A 15 12.61 6.62 1.72
CA ARG A 15 11.95 7.15 2.92
C ARG A 15 10.43 7.18 2.80
N GLU A 16 9.91 6.40 1.86
CA GLU A 16 8.47 6.25 1.69
C GLU A 16 8.00 4.95 2.34
N LEU A 17 7.11 5.07 3.33
CA LEU A 17 6.64 3.91 4.08
C LEU A 17 5.17 3.60 3.84
N ARG A 18 4.88 2.31 3.67
CA ARG A 18 3.53 1.83 3.40
C ARG A 18 2.91 1.29 4.69
N LEU A 19 1.89 1.98 5.18
CA LEU A 19 1.25 1.59 6.44
C LEU A 19 -0.17 1.09 6.21
N LEU A 20 -0.41 -0.15 6.64
CA LEU A 20 -1.74 -0.74 6.53
C LEU A 20 -2.41 -0.81 7.89
N MET A 21 -3.58 -0.17 7.97
CA MET A 21 -4.35 -0.13 9.20
C MET A 21 -5.54 -1.08 9.12
N LEU A 22 -5.54 -2.10 9.97
CA LEU A 22 -6.62 -3.09 10.03
C LEU A 22 -7.09 -3.33 11.46
N GLY A 23 -8.21 -4.02 11.60
CA GLY A 23 -8.83 -4.23 12.90
C GLY A 23 -10.33 -4.27 12.71
N LEU A 24 -11.02 -4.94 13.63
CA LEU A 24 -12.47 -5.09 13.58
C LEU A 24 -13.18 -3.74 13.43
N ASP A 25 -14.39 -3.79 12.87
CA ASP A 25 -15.21 -2.59 12.67
C ASP A 25 -15.40 -1.81 13.97
N ASN A 26 -15.63 -0.50 13.84
CA ASN A 26 -15.91 0.37 14.97
C ASN A 26 -14.68 0.71 15.81
N ALA A 27 -13.62 -0.10 15.69
CA ALA A 27 -12.41 0.06 16.48
C ALA A 27 -11.89 1.51 16.57
N GLY A 28 -11.92 2.21 15.44
CA GLY A 28 -11.51 3.62 15.40
C GLY A 28 -10.37 3.90 14.44
N LYS A 29 -10.22 3.04 13.44
CA LYS A 29 -9.15 3.16 12.44
C LYS A 29 -9.22 4.47 11.67
N THR A 30 -10.36 4.73 11.03
CA THR A 30 -10.57 5.97 10.26
C THR A 30 -10.53 7.19 11.18
N THR A 31 -10.92 7.00 12.44
CA THR A 31 -10.85 8.06 13.45
C THR A 31 -9.40 8.47 13.71
N ILE A 32 -8.51 7.48 13.75
CA ILE A 32 -7.08 7.74 13.95
C ILE A 32 -6.48 8.53 12.79
N LEU A 33 -6.62 7.99 11.56
CA LEU A 33 -6.16 8.66 10.35
C LEU A 33 -6.56 10.12 10.30
N LYS A 34 -7.87 10.36 10.44
CA LYS A 34 -8.44 11.70 10.43
C LYS A 34 -7.82 12.55 11.53
N LYS A 35 -7.90 12.06 12.76
CA LYS A 35 -7.36 12.77 13.92
C LYS A 35 -5.82 12.65 13.95
N PHE A 36 -5.22 12.53 12.78
CA PHE A 36 -3.77 12.58 12.66
C PHE A 36 -3.37 13.76 11.80
N ASN A 37 -4.04 13.94 10.66
CA ASN A 37 -3.86 15.12 9.83
C ASN A 37 -4.51 16.35 10.45
N GLY A 38 -5.21 16.13 11.57
CA GLY A 38 -5.97 17.19 12.22
C GLY A 38 -7.29 17.45 11.52
N GLU A 39 -7.80 16.41 10.87
CA GLU A 39 -9.10 16.49 10.18
C GLU A 39 -10.25 16.32 11.17
N ASP A 40 -11.47 16.59 10.68
CA ASP A 40 -12.66 16.53 11.53
C ASP A 40 -13.14 15.08 11.70
N ILE A 41 -13.18 14.62 12.95
CA ILE A 41 -13.66 13.27 13.26
C ILE A 41 -15.19 13.20 13.35
N ASP A 42 -15.81 14.38 13.45
CA ASP A 42 -17.26 14.53 13.58
C ASP A 42 -18.19 14.27 12.39
N THR A 43 -17.77 13.36 11.51
CA THR A 43 -18.33 13.17 10.16
C THR A 43 -18.05 11.76 9.65
N ILE A 44 -17.26 11.02 10.41
CA ILE A 44 -16.84 9.66 10.03
C ILE A 44 -18.00 8.67 10.06
N SER A 45 -18.29 8.12 8.89
CA SER A 45 -19.23 7.01 8.75
C SER A 45 -18.41 5.75 8.57
N PRO A 46 -18.90 4.60 9.11
CA PRO A 46 -18.19 3.32 8.93
C PRO A 46 -17.74 3.08 7.50
N THR A 47 -16.46 2.79 7.31
CA THR A 47 -15.89 2.64 5.97
C THR A 47 -16.20 1.29 5.35
N LEU A 48 -16.72 1.33 4.12
CA LEU A 48 -17.02 0.14 3.35
C LEU A 48 -15.91 -0.16 2.35
N GLY A 49 -15.07 0.84 2.11
CA GLY A 49 -13.94 0.71 1.21
C GLY A 49 -12.63 0.90 1.94
N PHE A 50 -11.89 1.93 1.53
CA PHE A 50 -10.60 2.25 2.14
C PHE A 50 -10.18 3.70 1.88
N ASN A 51 -9.51 4.30 2.87
CA ASN A 51 -8.95 5.64 2.76
C ASN A 51 -7.44 5.60 2.68
N ILE A 52 -6.86 6.37 1.77
CA ILE A 52 -5.42 6.54 1.70
C ILE A 52 -5.06 7.98 2.07
N LYS A 53 -4.30 8.16 3.14
CA LYS A 53 -3.89 9.48 3.58
C LYS A 53 -2.38 9.65 3.57
N THR A 54 -1.87 10.16 2.45
CA THR A 54 -0.47 10.49 2.29
C THR A 54 -0.09 11.60 3.28
N LEU A 55 0.96 11.36 4.06
CA LEU A 55 1.33 12.24 5.18
C LEU A 55 2.81 12.14 5.57
N GLU A 56 3.43 13.30 5.80
CA GLU A 56 4.85 13.36 6.20
C GLU A 56 5.04 13.52 7.72
N HIS A 57 6.11 12.89 8.23
CA HIS A 57 6.45 12.88 9.65
C HIS A 57 7.87 12.33 9.83
N ARG A 58 8.70 13.06 10.57
CA ARG A 58 10.10 12.67 10.88
C ARG A 58 10.95 12.30 9.66
N GLY A 59 10.82 13.08 8.58
CA GLY A 59 11.62 12.86 7.36
C GLY A 59 11.03 11.84 6.41
N PHE A 60 10.10 11.03 6.92
CA PHE A 60 9.40 10.03 6.13
C PHE A 60 8.13 10.60 5.53
N LYS A 61 7.74 10.07 4.38
CA LYS A 61 6.37 10.23 3.92
C LYS A 61 5.66 8.87 4.07
N LEU A 62 4.49 8.87 4.69
CA LEU A 62 3.81 7.65 5.08
C LEU A 62 2.49 7.45 4.34
N ASN A 63 2.47 6.45 3.46
CA ASN A 63 1.26 6.10 2.73
C ASN A 63 0.41 5.13 3.53
N ILE A 64 -0.59 5.68 4.21
CA ILE A 64 -1.41 4.94 5.15
C ILE A 64 -2.74 4.54 4.53
N TRP A 65 -2.98 3.24 4.48
CA TRP A 65 -4.22 2.68 3.96
C TRP A 65 -5.08 2.17 5.12
N ASP A 66 -6.30 2.71 5.21
CA ASP A 66 -7.28 2.24 6.18
C ASP A 66 -8.40 1.51 5.45
N VAL A 67 -8.52 0.21 5.71
CA VAL A 67 -9.50 -0.64 5.02
C VAL A 67 -10.66 -0.97 5.96
N GLY A 68 -11.88 -0.94 5.41
CA GLY A 68 -13.10 -1.25 6.17
C GLY A 68 -13.06 -2.57 6.92
N GLY A 69 -13.41 -2.53 8.20
CA GLY A 69 -13.26 -3.67 9.09
C GLY A 69 -14.48 -4.56 9.26
N GLN A 70 -15.55 -4.24 8.54
CA GLN A 70 -16.78 -5.03 8.61
C GLN A 70 -16.53 -6.49 8.23
N LYS A 71 -17.18 -7.39 8.97
CA LYS A 71 -16.98 -8.84 8.84
C LYS A 71 -17.05 -9.37 7.42
N SER A 72 -17.94 -8.78 6.61
CA SER A 72 -18.11 -9.19 5.21
C SER A 72 -17.08 -8.57 4.26
N LEU A 73 -16.21 -7.72 4.80
CA LEU A 73 -15.17 -7.06 4.00
C LEU A 73 -13.76 -7.63 4.26
N ARG A 74 -13.64 -8.45 5.30
CA ARG A 74 -12.35 -8.99 5.74
C ARG A 74 -11.69 -9.99 4.79
N SER A 75 -12.47 -10.56 3.87
CA SER A 75 -11.95 -11.47 2.86
C SER A 75 -11.06 -10.71 1.87
N TYR A 76 -11.49 -9.49 1.57
CA TYR A 76 -10.84 -8.63 0.58
C TYR A 76 -9.70 -7.83 1.19
N TRP A 77 -9.42 -8.07 2.46
CA TRP A 77 -8.36 -7.38 3.20
C TRP A 77 -6.99 -7.60 2.58
N ARG A 78 -6.76 -8.81 2.09
CA ARG A 78 -5.44 -9.19 1.56
C ARG A 78 -5.12 -8.68 0.17
N ASN A 79 -5.98 -7.83 -0.38
CA ASN A 79 -5.67 -7.11 -1.61
C ASN A 79 -4.76 -5.92 -1.33
N TYR A 80 -4.43 -5.74 -0.05
CA TYR A 80 -3.68 -4.58 0.42
C TYR A 80 -2.48 -5.02 1.28
N PHE A 81 -2.30 -6.33 1.37
CA PHE A 81 -1.17 -6.94 2.07
C PHE A 81 0.13 -6.66 1.35
N GLU A 82 0.04 -6.57 0.04
CA GLU A 82 1.20 -6.37 -0.83
C GLU A 82 2.00 -5.12 -0.44
N SER A 83 3.29 -5.33 -0.22
CA SER A 83 4.27 -4.25 0.04
C SER A 83 4.07 -3.47 1.37
N THR A 84 3.42 -4.11 2.34
CA THR A 84 3.15 -3.46 3.63
C THR A 84 4.42 -3.32 4.46
N ASP A 85 4.76 -2.08 4.82
CA ASP A 85 5.95 -1.82 5.65
C ASP A 85 5.66 -1.93 7.15
N GLY A 86 4.44 -1.57 7.54
CA GLY A 86 4.03 -1.63 8.94
C GLY A 86 2.54 -1.90 9.07
N LEU A 87 2.18 -2.78 10.00
CA LEU A 87 0.78 -3.15 10.19
C LEU A 87 0.24 -2.58 11.50
N ILE A 88 -0.73 -1.68 11.37
CA ILE A 88 -1.39 -1.09 12.52
C ILE A 88 -2.68 -1.83 12.81
N TRP A 89 -2.67 -2.61 13.89
CA TRP A 89 -3.86 -3.32 14.34
C TRP A 89 -4.56 -2.49 15.42
N VAL A 90 -5.77 -2.04 15.12
CA VAL A 90 -6.51 -1.17 16.04
C VAL A 90 -7.59 -1.95 16.79
N VAL A 91 -7.59 -1.83 18.11
CA VAL A 91 -8.50 -2.56 18.97
C VAL A 91 -9.44 -1.60 19.71
N ASP A 92 -10.73 -1.92 19.67
CA ASP A 92 -11.73 -1.26 20.50
C ASP A 92 -11.67 -1.94 21.88
N SER A 93 -10.87 -1.35 22.77
CA SER A 93 -10.59 -1.94 24.08
C SER A 93 -11.78 -1.93 25.04
N ALA A 94 -12.91 -1.39 24.58
CA ALA A 94 -14.14 -1.36 25.36
C ALA A 94 -15.07 -2.52 25.02
N ASP A 95 -15.18 -2.85 23.74
CA ASP A 95 -15.97 -3.99 23.29
C ASP A 95 -15.20 -5.28 23.60
N ARG A 96 -15.31 -5.73 24.84
CA ARG A 96 -14.60 -6.90 25.34
C ARG A 96 -15.26 -8.21 24.88
N GLN A 97 -16.50 -8.10 24.44
CA GLN A 97 -17.29 -9.24 23.97
C GLN A 97 -16.71 -9.80 22.67
N ARG A 98 -16.22 -8.92 21.81
CA ARG A 98 -15.61 -9.31 20.53
C ARG A 98 -14.09 -9.37 20.61
N MET A 99 -13.53 -9.32 21.82
CA MET A 99 -12.09 -9.42 21.98
C MET A 99 -11.61 -10.83 21.59
N GLN A 100 -12.47 -11.81 21.87
CA GLN A 100 -12.32 -13.17 21.36
C GLN A 100 -12.04 -13.16 19.84
N ASP A 101 -12.85 -12.41 19.11
CA ASP A 101 -12.72 -12.28 17.65
C ASP A 101 -11.45 -11.56 17.21
N CYS A 102 -11.01 -10.60 18.03
CA CYS A 102 -9.83 -9.80 17.72
C CYS A 102 -8.58 -10.69 17.68
N GLN A 103 -8.53 -11.67 18.57
CA GLN A 103 -7.43 -12.64 18.64
C GLN A 103 -7.32 -13.49 17.37
N ARG A 104 -8.46 -14.02 16.92
CA ARG A 104 -8.50 -14.93 15.77
C ARG A 104 -8.01 -14.27 14.49
N GLU A 105 -8.50 -13.06 14.25
CA GLU A 105 -8.25 -12.33 13.02
C GLU A 105 -6.80 -11.85 12.97
N LEU A 106 -6.25 -11.52 14.13
CA LEU A 106 -4.85 -11.11 14.25
C LEU A 106 -3.92 -12.30 14.03
N GLN A 107 -4.21 -13.42 14.67
CA GLN A 107 -3.35 -14.61 14.57
C GLN A 107 -3.33 -15.15 13.14
N SER A 108 -4.38 -14.85 12.38
CA SER A 108 -4.47 -15.22 10.96
C SER A 108 -3.74 -14.23 10.06
N LEU A 109 -3.50 -13.02 10.56
CA LEU A 109 -2.75 -12.00 9.81
C LEU A 109 -1.24 -12.20 9.93
N LEU A 110 -0.80 -12.55 11.14
CA LEU A 110 0.63 -12.74 11.44
C LEU A 110 1.27 -13.84 10.59
N VAL A 111 0.44 -14.73 10.05
CA VAL A 111 0.91 -15.83 9.20
C VAL A 111 0.42 -15.68 7.75
N GLU A 112 0.82 -14.59 7.11
CA GLU A 112 0.34 -14.26 5.76
C GLU A 112 1.41 -14.15 4.68
N GLU A 113 2.67 -14.05 5.10
CA GLU A 113 3.83 -14.11 4.19
C GLU A 113 3.90 -12.95 3.20
N ARG A 114 2.79 -12.23 3.08
CA ARG A 114 2.74 -10.99 2.31
C ARG A 114 2.83 -9.84 3.30
N LEU A 115 2.66 -10.17 4.57
CA LEU A 115 2.83 -9.25 5.68
C LEU A 115 4.00 -9.67 6.57
N ALA A 116 4.69 -10.75 6.19
CA ALA A 116 5.72 -11.38 7.02
C ALA A 116 6.81 -10.42 7.54
N GLY A 117 6.99 -9.29 6.87
CA GLY A 117 8.04 -8.34 7.23
C GLY A 117 7.62 -7.14 8.05
N ALA A 118 6.34 -6.79 7.98
CA ALA A 118 5.81 -5.59 8.64
C ALA A 118 5.97 -5.62 10.16
N THR A 119 6.14 -4.43 10.73
CA THR A 119 6.23 -4.26 12.18
C THR A 119 4.83 -4.06 12.72
N LEU A 120 4.52 -4.74 13.84
CA LEU A 120 3.17 -4.73 14.38
C LEU A 120 2.95 -3.71 15.48
N LEU A 121 2.08 -2.73 15.20
CA LEU A 121 1.65 -1.78 16.20
C LEU A 121 0.19 -2.05 16.55
N ILE A 122 -0.08 -2.25 17.83
CA ILE A 122 -1.42 -2.56 18.30
C ILE A 122 -2.00 -1.37 19.03
N PHE A 123 -3.12 -0.84 18.55
CA PHE A 123 -3.74 0.32 19.19
C PHE A 123 -4.93 -0.05 20.07
N ALA A 124 -4.70 -0.04 21.38
CA ALA A 124 -5.76 -0.29 22.36
C ALA A 124 -6.61 0.97 22.54
N ASN A 125 -7.36 1.29 21.49
CA ASN A 125 -8.12 2.55 21.42
C ASN A 125 -9.32 2.60 22.36
N LYS A 126 -10.00 3.76 22.36
CA LYS A 126 -11.18 4.02 23.19
C LYS A 126 -10.89 3.80 24.68
N GLN A 127 -9.71 4.26 25.10
CA GLN A 127 -9.25 4.18 26.49
C GLN A 127 -9.94 5.19 27.38
N ASP A 128 -10.51 6.22 26.77
CA ASP A 128 -11.30 7.23 27.47
C ASP A 128 -12.59 6.64 28.08
N LEU A 129 -13.05 5.51 27.53
CA LEU A 129 -14.29 4.88 27.97
C LEU A 129 -14.13 4.10 29.29
N PRO A 130 -15.12 4.23 30.19
CA PRO A 130 -15.13 3.52 31.48
C PRO A 130 -15.05 2.00 31.34
N GLY A 131 -15.55 1.47 30.23
CA GLY A 131 -15.55 0.03 29.99
C GLY A 131 -14.28 -0.50 29.34
N ALA A 132 -13.32 0.39 29.10
CA ALA A 132 -12.08 0.03 28.40
C ALA A 132 -11.15 -0.85 29.23
N LEU A 133 -10.79 -2.00 28.66
CA LEU A 133 -9.85 -2.94 29.27
C LEU A 133 -8.44 -2.37 29.34
N SER A 134 -7.68 -2.79 30.36
CA SER A 134 -6.30 -2.35 30.53
C SER A 134 -5.41 -3.02 29.49
N SER A 135 -4.47 -2.26 28.94
CA SER A 135 -3.57 -2.75 27.90
C SER A 135 -3.02 -4.14 28.18
N ASN A 136 -2.60 -4.38 29.43
CA ASN A 136 -2.12 -5.69 29.85
C ASN A 136 -3.17 -6.81 29.74
N ALA A 137 -4.43 -6.46 30.01
CA ALA A 137 -5.54 -7.40 29.87
C ALA A 137 -5.87 -7.65 28.40
N ILE A 138 -5.51 -6.69 27.55
CA ILE A 138 -5.62 -6.83 26.10
C ILE A 138 -4.38 -7.56 25.56
N ARG A 139 -3.31 -7.55 26.35
CA ARG A 139 -2.04 -8.20 26.00
C ARG A 139 -2.10 -9.71 26.18
N GLU A 140 -2.70 -10.15 27.29
CA GLU A 140 -2.92 -11.58 27.53
C GLU A 140 -4.02 -12.09 26.60
N VAL A 141 -5.02 -11.25 26.37
CA VAL A 141 -5.97 -11.46 25.29
C VAL A 141 -5.22 -11.19 24.00
N LEU A 142 -5.76 -11.64 22.87
CA LEU A 142 -5.05 -11.54 21.59
C LEU A 142 -3.79 -12.41 21.58
N GLU A 143 -3.40 -12.87 22.76
CA GLU A 143 -2.16 -13.63 22.99
C GLU A 143 -0.99 -12.94 22.31
N LEU A 144 -0.84 -11.65 22.61
CA LEU A 144 0.10 -10.77 21.92
C LEU A 144 1.54 -11.24 22.06
N ASP A 145 1.99 -11.46 23.29
CA ASP A 145 3.27 -12.13 23.51
C ASP A 145 3.12 -13.60 23.15
N SER A 146 4.25 -14.29 22.99
CA SER A 146 4.27 -15.67 22.51
C SER A 146 3.96 -15.76 21.02
N ILE A 147 4.26 -14.68 20.29
CA ILE A 147 4.21 -14.69 18.83
C ILE A 147 5.60 -14.42 18.27
N ARG A 148 6.26 -15.49 17.82
CA ARG A 148 7.63 -15.39 17.32
C ARG A 148 7.68 -14.96 15.86
N SER A 149 6.65 -14.24 15.43
CA SER A 149 6.52 -13.83 14.04
C SER A 149 7.09 -12.44 13.76
N HIS A 150 6.61 -11.43 14.48
CA HIS A 150 6.88 -10.03 14.17
C HIS A 150 7.36 -9.22 15.38
N HIS A 151 7.94 -8.05 15.10
CA HIS A 151 8.29 -7.06 16.13
C HIS A 151 7.05 -6.26 16.50
N TRP A 152 6.70 -6.23 17.79
CA TRP A 152 5.45 -5.56 18.19
C TRP A 152 5.51 -4.66 19.42
N CYS A 153 4.53 -3.76 19.50
CA CYS A 153 4.34 -2.87 20.65
C CYS A 153 2.85 -2.57 20.86
N ILE A 154 2.44 -2.59 22.13
CA ILE A 154 1.08 -2.20 22.49
C ILE A 154 1.03 -0.72 22.90
N GLN A 155 -0.07 -0.06 22.57
CA GLN A 155 -0.24 1.35 22.87
C GLN A 155 -1.72 1.68 23.13
N GLY A 156 -2.06 1.86 24.40
CA GLY A 156 -3.39 2.29 24.81
C GLY A 156 -3.57 3.76 24.48
N CYS A 157 -4.63 4.07 23.74
CA CYS A 157 -4.83 5.42 23.24
C CYS A 157 -6.29 5.84 23.22
N SER A 158 -6.51 7.14 23.08
CA SER A 158 -7.83 7.70 22.84
C SER A 158 -7.76 8.50 21.54
N ALA A 159 -8.50 8.03 20.53
CA ALA A 159 -8.45 8.63 19.20
C ALA A 159 -9.23 9.93 19.10
N VAL A 160 -10.18 10.14 20.02
CA VAL A 160 -10.94 11.38 20.10
C VAL A 160 -10.07 12.54 20.57
N THR A 161 -9.36 12.34 21.67
CA THR A 161 -8.46 13.35 22.22
C THR A 161 -7.11 13.37 21.50
N GLY A 162 -6.81 12.29 20.78
CA GLY A 162 -5.54 12.14 20.07
C GLY A 162 -4.39 11.87 21.02
N GLU A 163 -4.69 11.19 22.13
CA GLU A 163 -3.69 10.87 23.14
C GLU A 163 -3.03 9.54 22.83
N ASN A 164 -1.70 9.53 22.92
CA ASN A 164 -0.87 8.33 22.70
C ASN A 164 -0.82 7.79 21.26
N LEU A 165 -1.39 8.54 20.32
CA LEU A 165 -1.32 8.18 18.90
C LEU A 165 0.09 8.38 18.36
N LEU A 166 0.76 9.43 18.82
CA LEU A 166 2.13 9.74 18.40
C LEU A 166 3.17 8.75 18.97
N PRO A 167 3.18 8.54 20.31
CA PRO A 167 4.08 7.54 20.92
C PRO A 167 4.14 6.19 20.21
N GLY A 168 3.05 5.81 19.54
CA GLY A 168 2.98 4.56 18.80
C GLY A 168 3.63 4.63 17.43
N ILE A 169 3.26 5.65 16.66
CA ILE A 169 3.82 5.88 15.33
C ILE A 169 5.32 6.21 15.43
N ASP A 170 5.67 6.98 16.45
CA ASP A 170 7.07 7.31 16.74
C ASP A 170 7.89 6.05 16.99
N TRP A 171 7.32 5.11 17.73
CA TRP A 171 7.99 3.83 17.96
C TRP A 171 8.09 3.01 16.67
N LEU A 172 7.02 3.01 15.89
CA LEU A 172 6.95 2.22 14.66
C LEU A 172 8.11 2.51 13.73
N LEU A 173 8.39 3.79 13.53
CA LEU A 173 9.50 4.24 12.69
C LEU A 173 10.84 3.79 13.24
N ASP A 174 11.05 3.99 14.55
CA ASP A 174 12.26 3.51 15.22
C ASP A 174 12.56 2.07 14.85
N ASP A 175 11.50 1.26 14.79
CA ASP A 175 11.62 -0.15 14.45
C ASP A 175 11.87 -0.35 12.95
N ILE A 176 11.02 0.27 12.11
CA ILE A 176 11.13 0.14 10.66
C ILE A 176 12.47 0.67 10.15
N SER A 177 12.83 1.89 10.54
CA SER A 177 14.10 2.49 10.14
C SER A 177 15.32 1.70 10.62
N SER A 178 15.26 1.21 11.86
CA SER A 178 16.33 0.38 12.42
C SER A 178 16.43 -0.97 11.71
N ARG A 179 15.31 -1.42 11.12
CA ARG A 179 15.30 -2.61 10.30
C ARG A 179 15.93 -2.32 8.94
N ILE A 180 15.77 -1.09 8.46
CA ILE A 180 16.37 -0.64 7.21
C ILE A 180 17.84 -0.25 7.41
N PHE A 181 18.19 0.09 8.66
CA PHE A 181 19.58 0.33 9.00
C PHE A 181 20.40 -0.93 8.70
N THR A 182 19.97 -2.04 9.29
CA THR A 182 20.64 -3.33 9.13
C THR A 182 20.58 -3.82 7.68
N ALA A 183 19.65 -3.27 6.89
CA ALA A 183 19.61 -3.55 5.46
C ALA A 183 20.88 -3.06 4.78
N ASP A 184 21.13 -1.75 4.87
CA ASP A 184 22.33 -1.14 4.30
C ASP A 184 23.60 -1.72 4.89
N LEU A 185 23.64 -1.80 6.22
CA LEU A 185 24.78 -2.32 6.95
C LEU A 185 25.25 -3.66 6.38
N GLU A 186 24.33 -4.62 6.26
CA GLU A 186 24.67 -5.94 5.75
C GLU A 186 24.82 -5.98 4.23
N HIS A 187 24.18 -5.02 3.55
CA HIS A 187 24.30 -4.91 2.09
C HIS A 187 25.73 -4.56 1.69
N HIS A 188 26.14 -3.32 1.99
CA HIS A 188 27.44 -2.79 1.57
C HIS A 188 28.63 -3.61 2.05
N HIS A 189 28.52 -4.20 3.23
CA HIS A 189 29.59 -5.03 3.79
C HIS A 189 29.61 -6.44 3.18
N HIS A 190 28.81 -6.63 2.11
CA HIS A 190 28.79 -7.89 1.35
C HIS A 190 28.63 -7.65 -0.14
N SER B 16 29.03 0.21 -23.19
CA SER B 16 28.63 -1.09 -23.83
C SER B 16 29.45 -2.30 -23.31
N SER B 17 29.63 -3.40 -24.06
CA SER B 17 29.47 -3.46 -25.52
C SER B 17 28.29 -4.29 -26.09
N ALA B 18 28.30 -5.63 -25.94
CA ALA B 18 27.48 -6.57 -26.81
C ALA B 18 25.92 -6.68 -26.96
N SER B 19 25.14 -6.80 -25.89
CA SER B 19 23.67 -6.57 -25.93
C SER B 19 23.21 -5.54 -24.89
N ASP B 20 24.13 -4.64 -24.52
CA ASP B 20 23.80 -3.38 -23.86
C ASP B 20 23.01 -2.54 -24.84
N ALA B 21 23.24 -2.79 -26.13
CA ALA B 21 22.41 -2.26 -27.20
C ALA B 21 20.96 -2.72 -27.02
N GLU B 22 20.70 -4.01 -27.24
CA GLU B 22 19.37 -4.61 -27.03
C GLU B 22 18.52 -3.83 -26.02
N PHE B 23 19.02 -3.73 -24.80
CA PHE B 23 18.40 -2.95 -23.72
C PHE B 23 18.14 -1.49 -24.11
N ASP B 24 19.20 -0.77 -24.46
CA ASP B 24 19.08 0.64 -24.86
C ASP B 24 18.16 0.83 -26.07
N ALA B 25 18.16 -0.16 -26.97
CA ALA B 25 17.28 -0.16 -28.14
C ALA B 25 15.83 -0.43 -27.74
N VAL B 26 15.65 -1.10 -26.61
CA VAL B 26 14.32 -1.31 -26.01
C VAL B 26 13.87 -0.05 -25.26
N VAL B 27 14.81 0.59 -24.54
CA VAL B 27 14.56 1.87 -23.88
C VAL B 27 13.97 2.87 -24.87
N GLY B 28 14.59 2.97 -26.05
CA GLY B 28 14.09 3.82 -27.13
C GLY B 28 12.58 3.81 -27.25
N TYR B 29 11.97 2.64 -27.05
CA TYR B 29 10.53 2.46 -27.20
C TYR B 29 9.77 2.72 -25.92
N LEU B 30 10.43 2.59 -24.78
CA LEU B 30 9.85 2.97 -23.50
C LEU B 30 9.74 4.50 -23.39
N GLU B 31 9.90 5.15 -24.54
CA GLU B 31 9.54 6.55 -24.76
C GLU B 31 8.52 6.52 -25.89
N ASP B 32 9.00 6.07 -27.06
CA ASP B 32 8.19 5.90 -28.28
C ASP B 32 6.77 5.41 -27.99
N ILE B 33 6.67 4.17 -27.53
CA ILE B 33 5.39 3.49 -27.30
C ILE B 33 4.44 4.29 -26.41
N ILE B 34 4.96 4.74 -25.27
CA ILE B 34 4.12 5.34 -24.23
C ILE B 34 3.83 6.83 -24.47
N MET B 35 4.61 7.45 -25.35
CA MET B 35 4.36 8.83 -25.79
C MET B 35 3.49 8.88 -27.03
N ASP B 36 3.10 7.71 -27.53
CA ASP B 36 2.27 7.64 -28.71
C ASP B 36 0.81 7.88 -28.33
N ASP B 37 0.06 8.46 -29.26
CA ASP B 37 -1.36 8.75 -29.06
C ASP B 37 -2.22 7.49 -29.14
N GLU B 38 -1.59 6.37 -29.47
CA GLU B 38 -2.27 5.07 -29.50
C GLU B 38 -2.34 4.48 -28.09
N PHE B 39 -1.40 4.88 -27.24
CA PHE B 39 -1.41 4.52 -25.82
C PHE B 39 -2.58 5.20 -25.11
N GLN B 40 -2.88 6.42 -25.53
CA GLN B 40 -4.05 7.18 -25.06
C GLN B 40 -5.37 6.50 -25.40
N LEU B 41 -5.40 5.80 -26.53
CA LEU B 41 -6.59 5.07 -26.96
C LEU B 41 -6.94 3.93 -26.02
N LEU B 42 -6.07 2.94 -25.89
CA LEU B 42 -6.34 1.77 -25.05
C LEU B 42 -6.75 2.19 -23.63
N GLN B 43 -6.13 3.26 -23.14
CA GLN B 43 -6.52 3.88 -21.86
C GLN B 43 -7.93 4.43 -21.96
N ARG B 44 -8.13 5.37 -22.89
CA ARG B 44 -9.44 5.93 -23.20
C ARG B 44 -10.49 4.81 -23.25
N ASN B 45 -10.21 3.76 -24.02
CA ASN B 45 -11.11 2.61 -24.21
C ASN B 45 -11.38 1.77 -22.96
N PHE B 46 -10.33 1.57 -22.15
CA PHE B 46 -10.43 0.80 -20.90
C PHE B 46 -11.19 1.60 -19.84
N MET B 47 -10.78 2.84 -19.64
CA MET B 47 -11.53 3.81 -18.81
C MET B 47 -12.96 3.96 -19.32
N ASP B 48 -13.12 3.78 -20.62
CA ASP B 48 -14.37 4.01 -21.33
C ASP B 48 -15.42 2.95 -21.06
N LYS B 49 -15.19 2.10 -20.07
CA LYS B 49 -16.15 1.07 -19.70
C LYS B 49 -16.46 1.06 -18.20
N TYR B 50 -15.72 1.89 -17.46
CA TYR B 50 -16.16 2.34 -16.15
C TYR B 50 -15.86 3.83 -15.97
N TYR B 51 -16.67 4.69 -16.59
CA TYR B 51 -16.75 6.06 -16.12
C TYR B 51 -17.62 5.94 -14.88
N LEU B 52 -18.79 5.35 -15.11
CA LEU B 52 -19.83 5.13 -14.10
C LEU B 52 -19.28 4.85 -12.71
N GLU B 53 -18.46 3.82 -12.59
CA GLU B 53 -18.08 3.26 -11.29
C GLU B 53 -16.83 3.91 -10.67
N PHE B 54 -16.78 5.24 -10.71
CA PHE B 54 -15.70 5.99 -10.06
C PHE B 54 -16.22 7.25 -9.36
N GLU B 55 -16.54 7.09 -8.07
CA GLU B 55 -17.13 8.15 -7.26
C GLU B 55 -16.10 9.19 -6.85
N ASP B 56 -16.52 10.45 -6.85
CA ASP B 56 -15.65 11.58 -6.49
C ASP B 56 -15.67 11.84 -4.98
N THR B 57 -15.27 10.84 -4.20
CA THR B 57 -15.12 10.97 -2.76
C THR B 57 -13.74 10.48 -2.33
N GLU B 58 -13.29 10.90 -1.16
CA GLU B 58 -11.96 10.50 -0.68
C GLU B 58 -11.88 9.01 -0.31
N GLU B 59 -13.00 8.41 0.11
CA GLU B 59 -13.02 6.97 0.36
C GLU B 59 -13.12 6.19 -0.95
N ASN B 60 -12.22 5.24 -1.11
CA ASN B 60 -12.14 4.43 -2.32
C ASN B 60 -13.00 3.18 -2.22
N LYS B 61 -13.63 2.82 -3.33
CA LYS B 61 -14.42 1.61 -3.42
C LYS B 61 -13.52 0.38 -3.42
N LEU B 62 -13.95 -0.65 -2.69
CA LEU B 62 -13.28 -1.94 -2.64
C LEU B 62 -13.01 -2.50 -4.03
N ILE B 63 -13.80 -2.06 -5.02
CA ILE B 63 -13.67 -2.53 -6.40
C ILE B 63 -12.70 -1.72 -7.28
N TYR B 64 -12.10 -0.68 -6.73
CA TYR B 64 -11.07 0.07 -7.46
C TYR B 64 -9.82 -0.76 -7.66
N THR B 65 -9.49 -1.56 -6.64
CA THR B 65 -8.28 -2.39 -6.65
C THR B 65 -8.27 -3.46 -7.76
N PRO B 66 -9.36 -4.25 -7.89
CA PRO B 66 -9.40 -5.22 -9.00
C PRO B 66 -9.36 -4.59 -10.39
N ILE B 67 -9.93 -3.39 -10.54
CA ILE B 67 -9.84 -2.64 -11.80
C ILE B 67 -8.42 -2.13 -12.00
N PHE B 68 -7.81 -1.65 -10.91
CA PHE B 68 -6.43 -1.14 -10.95
C PHE B 68 -5.44 -2.20 -11.40
N ASN B 69 -5.64 -3.45 -10.93
CA ASN B 69 -4.77 -4.57 -11.31
C ASN B 69 -4.96 -5.02 -12.75
N GLU B 70 -6.19 -4.89 -13.25
CA GLU B 70 -6.48 -5.17 -14.65
C GLU B 70 -5.83 -4.10 -15.53
N TYR B 71 -5.83 -2.86 -15.04
CA TYR B 71 -5.21 -1.72 -15.71
C TYR B 71 -3.70 -1.93 -15.91
N ILE B 72 -3.01 -2.32 -14.83
CA ILE B 72 -1.57 -2.57 -14.88
C ILE B 72 -1.20 -3.73 -15.80
N SER B 73 -1.92 -4.86 -15.66
CA SER B 73 -1.69 -6.05 -16.48
C SER B 73 -2.17 -5.88 -17.92
N LEU B 74 -2.68 -4.69 -18.24
CA LEU B 74 -3.05 -4.33 -19.61
C LEU B 74 -2.01 -3.38 -20.20
N VAL B 75 -1.53 -2.44 -19.38
CA VAL B 75 -0.46 -1.52 -19.78
C VAL B 75 0.79 -2.31 -20.16
N GLU B 76 1.28 -3.13 -19.22
CA GLU B 76 2.48 -3.95 -19.47
C GLU B 76 2.23 -5.09 -20.46
N LYS B 77 0.99 -5.56 -20.55
CA LYS B 77 0.62 -6.58 -21.55
C LYS B 77 0.65 -5.96 -22.94
N TYR B 78 0.31 -4.67 -23.02
CA TYR B 78 0.40 -3.92 -24.27
C TYR B 78 1.85 -3.57 -24.61
N ILE B 79 2.61 -3.15 -23.60
CA ILE B 79 4.00 -2.73 -23.80
C ILE B 79 4.86 -3.83 -24.45
N GLU B 80 4.68 -5.08 -24.01
CA GLU B 80 5.47 -6.19 -24.54
C GLU B 80 5.00 -6.67 -25.92
N GLU B 81 3.70 -6.55 -26.19
CA GLU B 81 3.15 -6.91 -27.50
C GLU B 81 3.33 -5.77 -28.50
N GLN B 82 4.01 -4.71 -28.05
CA GLN B 82 4.34 -3.56 -28.88
C GLN B 82 5.84 -3.52 -29.10
N LEU B 83 6.60 -3.96 -28.08
CA LEU B 83 8.05 -4.06 -28.19
C LEU B 83 8.48 -5.11 -29.22
N LEU B 84 7.61 -6.08 -29.49
CA LEU B 84 7.92 -7.12 -30.48
C LEU B 84 7.26 -6.88 -31.84
N GLN B 85 6.32 -5.92 -31.88
CA GLN B 85 5.81 -5.40 -33.14
C GLN B 85 6.87 -4.55 -33.83
N ARG B 86 8.05 -4.51 -33.22
CA ARG B 86 9.16 -3.70 -33.69
C ARG B 86 10.47 -4.47 -33.55
N ILE B 87 10.65 -5.13 -32.40
CA ILE B 87 11.78 -6.04 -32.17
C ILE B 87 11.28 -7.47 -32.04
N PRO B 88 11.04 -8.16 -33.19
CA PRO B 88 10.85 -9.60 -33.07
C PRO B 88 12.09 -10.25 -32.46
N GLU B 89 11.91 -11.45 -31.91
CA GLU B 89 12.95 -12.14 -31.11
C GLU B 89 13.26 -11.39 -29.81
N PHE B 90 12.30 -10.59 -29.36
CA PHE B 90 12.39 -9.91 -28.08
C PHE B 90 11.72 -10.77 -27.01
N ASN B 91 12.43 -10.95 -25.89
CA ASN B 91 11.93 -11.72 -24.77
C ASN B 91 11.76 -10.84 -23.54
N MET B 92 10.51 -10.64 -23.13
CA MET B 92 10.19 -9.78 -21.99
C MET B 92 10.75 -10.34 -20.68
N ALA B 93 10.65 -11.66 -20.52
CA ALA B 93 11.18 -12.34 -19.33
C ALA B 93 12.71 -12.28 -19.25
N ALA B 94 13.36 -12.27 -20.41
CA ALA B 94 14.82 -12.10 -20.49
C ALA B 94 15.20 -10.64 -20.29
N PHE B 95 14.40 -9.74 -20.89
CA PHE B 95 14.59 -8.30 -20.71
C PHE B 95 14.51 -7.95 -19.24
N THR B 96 13.41 -8.36 -18.61
CA THR B 96 13.18 -8.09 -17.19
C THR B 96 14.33 -8.57 -16.32
N THR B 97 14.51 -9.88 -16.21
CA THR B 97 15.54 -10.49 -15.37
C THR B 97 16.84 -9.68 -15.31
N THR B 98 17.46 -9.47 -16.47
CA THR B 98 18.72 -8.74 -16.59
C THR B 98 18.57 -7.29 -16.14
N LEU B 99 17.67 -6.57 -16.81
CA LEU B 99 17.30 -5.21 -16.41
C LEU B 99 17.02 -5.16 -14.92
N GLN B 100 16.26 -6.13 -14.44
CA GLN B 100 15.87 -6.19 -13.03
C GLN B 100 17.04 -6.44 -12.08
N HIS B 101 18.26 -6.37 -12.65
CA HIS B 101 19.47 -6.00 -11.89
C HIS B 101 20.69 -5.53 -12.69
N HIS B 102 21.26 -6.43 -13.50
CA HIS B 102 22.55 -6.16 -14.19
C HIS B 102 22.78 -5.07 -15.23
N LYS B 103 22.20 -3.90 -14.94
CA LYS B 103 22.34 -2.68 -15.72
C LYS B 103 21.59 -1.61 -14.93
N ASP B 104 22.27 -1.10 -13.90
CA ASP B 104 21.69 -0.07 -13.04
C ASP B 104 21.76 1.27 -13.76
N GLU B 105 21.90 1.16 -15.08
CA GLU B 105 21.46 2.11 -16.10
C GLU B 105 19.92 2.02 -16.15
N VAL B 106 19.33 1.87 -14.97
CA VAL B 106 17.90 2.05 -14.73
C VAL B 106 17.76 3.53 -14.34
N ALA B 107 16.96 3.89 -13.35
CA ALA B 107 17.08 5.10 -12.56
C ALA B 107 16.85 6.38 -13.37
N GLY B 108 16.89 6.25 -14.69
CA GLY B 108 16.72 7.41 -15.56
C GLY B 108 15.33 7.98 -15.52
N ASP B 109 15.19 9.23 -15.94
CA ASP B 109 13.89 9.85 -16.18
C ASP B 109 13.24 9.11 -17.36
N ILE B 110 12.92 7.83 -17.12
CA ILE B 110 12.47 6.92 -18.15
C ILE B 110 11.49 5.88 -17.60
N PHE B 111 11.89 5.20 -16.53
CA PHE B 111 11.04 4.24 -15.84
C PHE B 111 10.30 4.95 -14.72
N ASP B 112 10.88 6.04 -14.25
CA ASP B 112 10.20 6.94 -13.33
C ASP B 112 8.85 7.31 -13.96
N MET B 113 8.85 7.40 -15.29
CA MET B 113 7.62 7.53 -16.07
C MET B 113 6.81 6.24 -16.04
N LEU B 114 7.49 5.11 -16.20
CA LEU B 114 6.84 3.80 -16.36
C LEU B 114 6.20 3.27 -15.07
N LEU B 115 6.65 3.73 -13.91
CA LEU B 115 6.03 3.33 -12.64
C LEU B 115 4.98 4.34 -12.14
N THR B 116 4.64 5.30 -13.00
CA THR B 116 3.54 6.22 -12.75
C THR B 116 2.23 5.44 -12.67
N PHE B 117 2.19 4.32 -13.38
CA PHE B 117 1.00 3.48 -13.45
C PHE B 117 0.83 2.63 -12.20
N THR B 118 1.86 2.56 -11.37
CA THR B 118 1.80 1.84 -10.10
C THR B 118 1.24 2.73 -8.99
N ASP B 119 1.33 4.05 -9.20
CA ASP B 119 0.74 5.03 -8.30
C ASP B 119 -0.78 4.96 -8.42
N PHE B 120 -1.43 4.66 -7.29
CA PHE B 120 -2.88 4.44 -7.27
C PHE B 120 -3.67 5.76 -7.30
N LEU B 121 -3.21 6.74 -6.53
CA LEU B 121 -3.90 8.03 -6.43
C LEU B 121 -3.82 8.82 -7.74
N ALA B 122 -2.69 8.71 -8.44
CA ALA B 122 -2.52 9.31 -9.76
C ALA B 122 -3.40 8.62 -10.79
N PHE B 123 -3.72 7.35 -10.54
CA PHE B 123 -4.63 6.57 -11.37
C PHE B 123 -6.08 6.99 -11.10
N LYS B 124 -6.42 7.10 -9.82
CA LYS B 124 -7.76 7.54 -9.39
C LYS B 124 -8.09 8.93 -9.92
N GLU B 125 -7.11 9.83 -9.82
CA GLU B 125 -7.27 11.23 -10.25
C GLU B 125 -7.50 11.34 -11.76
N MET B 126 -6.68 10.64 -12.54
CA MET B 126 -6.83 10.66 -14.00
C MET B 126 -8.11 9.94 -14.45
N PHE B 127 -8.59 9.00 -13.63
CA PHE B 127 -9.81 8.26 -13.91
C PHE B 127 -11.04 9.10 -13.61
N LEU B 128 -10.90 9.97 -12.62
CA LEU B 128 -11.94 10.91 -12.24
C LEU B 128 -12.09 12.00 -13.30
N ASP B 129 -10.97 12.37 -13.91
CA ASP B 129 -10.94 13.35 -15.00
C ASP B 129 -11.69 12.85 -16.22
N TYR B 130 -11.73 11.53 -16.38
CA TYR B 130 -12.40 10.94 -17.52
C TYR B 130 -13.92 10.91 -17.40
N ARG B 131 -14.42 10.52 -16.22
CA ARG B 131 -15.86 10.53 -15.95
C ARG B 131 -16.40 11.96 -15.95
N ALA B 132 -15.59 12.90 -15.45
CA ALA B 132 -15.95 14.32 -15.46
C ALA B 132 -16.07 14.86 -16.88
N GLU B 133 -15.21 14.37 -17.77
CA GLU B 133 -15.13 14.84 -19.15
C GLU B 133 -16.37 14.48 -19.97
N LYS B 134 -16.86 13.26 -19.82
CA LYS B 134 -18.02 12.79 -20.57
C LYS B 134 -19.35 13.03 -19.85
N GLU B 135 -19.34 13.97 -18.92
CA GLU B 135 -20.54 14.36 -18.17
C GLU B 135 -20.77 15.86 -18.21
#